data_7ZNO
#
_entry.id   7ZNO
#
_cell.length_a   42.397
_cell.length_b   42.397
_cell.length_c   215.560
_cell.angle_alpha   90.000
_cell.angle_beta   90.000
_cell.angle_gamma   90.000
#
_symmetry.space_group_name_H-M   'P 43 2 2'
#
loop_
_entity.id
_entity.type
_entity.pdbx_description
1 polymer 'Serine protease subunit NS2B'
2 polymer 'Serine protease NS3'
3 non-polymer '[(1R)-1-[[(2S)-6-azanyl-2-[[(2S)-6-azanyl-2-[2-[3-(4-carbamimidamido-3-oxidanylidene-pentyl)phenyl]ethanoylamino]hexanoyl]amino]hexanoyl]amino]-3-methyl-butyl]boronic acid'
4 water water
#
loop_
_entity_poly.entity_id
_entity_poly.type
_entity_poly.pdbx_seq_one_letter_code
_entity_poly.pdbx_strand_id
1 'polypeptide(L)' MTGKSVDMYIERAGDITWEKDAEVTGNSPRLDVALDESGDFSLVEEDGPPMRE A
2 'polypeptide(L)'
;GSGALWDVPAPKEVKKGETTDGVYRVMTRRLLGSTQVGVGVMQEGVFHTMWHVTKGAALRSGEGRLDPYWGDVKQDLVSY
CGPWKLDAAWDGLSEVQLLAVPPGERAKNIQTLPGIFKTKDGDIGAVALDYPAGTSGSPILDKCGRVIGLYGNGVVIKNG
SYVSAITQGKREEETPVE
;
B
#
loop_
_chem_comp.id
_chem_comp.type
_chem_comp.name
_chem_comp.formula
JQI non-polymer '[(1R)-1-[[(2S)-6-azanyl-2-[[(2S)-6-azanyl-2-[2-[3-(4-carbamimidamido-3-oxidanylidene-pentyl)phenyl]ethanoylamino]hexanoyl]amino]hexanoyl]amino]-3-methyl-butyl]boronic acid' 'C31 H55 B N8 O6'
#
# COMPACT_ATOMS: atom_id res chain seq x y z
N ASP A 7 0.24 -20.89 -1.07
CA ASP A 7 -0.15 -20.45 -2.40
C ASP A 7 -1.29 -19.42 -2.26
N MET A 8 -0.99 -18.19 -2.67
CA MET A 8 -1.79 -17.02 -2.34
C MET A 8 -2.84 -16.76 -3.40
N TYR A 9 -3.96 -16.14 -2.97
CA TYR A 9 -5.07 -15.83 -3.86
C TYR A 9 -5.64 -14.48 -3.47
N ILE A 10 -6.35 -13.85 -4.39
CA ILE A 10 -6.89 -12.51 -4.14
C ILE A 10 -8.42 -12.53 -4.17
N GLU A 11 -8.99 -11.58 -3.43
CA GLU A 11 -10.44 -11.46 -3.25
C GLU A 11 -10.79 -9.98 -3.31
N ARG A 12 -11.78 -9.63 -4.12
CA ARG A 12 -12.10 -8.21 -4.26
C ARG A 12 -12.69 -7.69 -2.96
N ALA A 13 -12.27 -6.49 -2.57
CA ALA A 13 -12.72 -5.85 -1.34
C ALA A 13 -13.42 -4.51 -1.53
N GLY A 14 -13.32 -3.90 -2.70
CA GLY A 14 -14.07 -2.67 -2.91
C GLY A 14 -13.60 -1.90 -4.12
N ASP A 15 -14.35 -0.84 -4.41
CA ASP A 15 -13.95 0.19 -5.37
C ASP A 15 -12.95 1.13 -4.72
N ILE A 16 -12.13 1.75 -5.55
CA ILE A 16 -11.16 2.75 -5.11
C ILE A 16 -11.79 4.11 -5.36
N THR A 17 -12.29 4.73 -4.30
CA THR A 17 -12.98 6.01 -4.42
C THR A 17 -12.75 6.84 -3.17
N TRP A 18 -12.69 8.15 -3.38
CA TRP A 18 -12.65 9.08 -2.26
C TRP A 18 -14.00 9.07 -1.55
N GLU A 19 -13.99 9.10 -0.22
CA GLU A 19 -15.21 9.09 0.58
C GLU A 19 -15.46 10.50 1.12
N LYS A 20 -16.62 11.07 0.79
CA LYS A 20 -16.82 12.50 0.96
C LYS A 20 -16.70 12.91 2.43
N ASP A 21 -17.24 12.12 3.35
CA ASP A 21 -17.24 12.51 4.75
C ASP A 21 -16.50 11.50 5.62
N ALA A 22 -15.26 11.19 5.27
CA ALA A 22 -14.52 10.15 5.97
C ALA A 22 -14.02 10.61 7.34
N GLU A 23 -13.83 9.64 8.22
CA GLU A 23 -13.14 9.88 9.48
C GLU A 23 -11.76 10.45 9.18
N VAL A 24 -11.41 11.53 9.86
CA VAL A 24 -10.19 12.30 9.58
C VAL A 24 -9.29 12.21 10.79
N THR A 25 -8.06 11.70 10.61
CA THR A 25 -7.22 11.45 11.76
C THR A 25 -5.78 11.34 11.32
N GLY A 26 -4.89 11.17 12.29
CA GLY A 26 -3.47 11.07 11.98
C GLY A 26 -2.80 12.42 11.99
N ASN A 27 -1.53 12.43 12.40
CA ASN A 27 -0.72 13.63 12.38
C ASN A 27 0.17 13.58 11.13
N SER A 28 1.14 14.51 11.07
CA SER A 28 1.90 14.78 9.84
C SER A 28 3.37 14.94 10.18
N PRO A 29 3.98 13.89 10.73
CA PRO A 29 5.39 14.00 11.15
C PRO A 29 6.33 14.19 9.96
N ARG A 30 7.36 15.00 10.17
CA ARG A 30 8.42 15.21 9.20
C ARG A 30 9.66 14.53 9.78
N LEU A 31 10.11 13.46 9.12
CA LEU A 31 11.08 12.53 9.69
C LEU A 31 12.25 12.37 8.73
N ASP A 32 13.47 12.42 9.27
CA ASP A 32 14.65 12.06 8.49
C ASP A 32 14.80 10.54 8.50
N VAL A 33 14.80 9.92 7.32
CA VAL A 33 14.86 8.48 7.21
C VAL A 33 15.94 8.10 6.20
N ALA A 34 16.36 6.85 6.29
CA ALA A 34 17.24 6.21 5.33
C ALA A 34 16.55 4.98 4.79
N LEU A 35 16.84 4.62 3.55
CA LEU A 35 16.25 3.44 2.92
C LEU A 35 17.40 2.56 2.49
N ASP A 36 17.44 1.33 3.00
CA ASP A 36 18.55 0.46 2.67
C ASP A 36 18.22 -0.44 1.48
N GLU A 37 19.22 -1.22 1.06
CA GLU A 37 19.10 -2.02 -0.15
C GLU A 37 18.03 -3.09 -0.03
N SER A 38 17.68 -3.50 1.19
CA SER A 38 16.62 -4.47 1.45
C SER A 38 15.23 -3.84 1.48
N GLY A 39 15.12 -2.56 1.17
CA GLY A 39 13.80 -1.92 1.18
C GLY A 39 13.30 -1.57 2.55
N ASP A 40 14.18 -1.53 3.53
CA ASP A 40 13.79 -1.20 4.90
C ASP A 40 14.15 0.24 5.23
N PHE A 41 13.18 0.95 5.79
CA PHE A 41 13.38 2.31 6.28
C PHE A 41 13.93 2.28 7.69
N SER A 42 14.78 3.25 8.00
CA SER A 42 15.22 3.45 9.37
C SER A 42 15.22 4.94 9.66
N LEU A 43 15.14 5.26 10.96
CA LEU A 43 15.15 6.65 11.41
C LEU A 43 16.57 7.13 11.63
N VAL A 44 16.84 8.33 11.15
CA VAL A 44 18.11 9.00 11.39
C VAL A 44 17.89 9.99 12.53
N GLU A 45 18.48 9.71 13.69
CA GLU A 45 18.28 10.52 14.89
C GLU A 45 16.80 10.87 15.08
N GLU B 18 -11.33 -12.73 -11.84
CA GLU B 18 -11.86 -11.36 -11.88
C GLU B 18 -10.73 -10.35 -12.08
N THR B 19 -10.88 -9.52 -13.11
CA THR B 19 -9.91 -8.49 -13.40
C THR B 19 -10.43 -7.10 -13.13
N THR B 20 -11.64 -6.96 -12.60
CA THR B 20 -12.23 -5.62 -12.52
C THR B 20 -11.39 -4.75 -11.59
N ASP B 21 -11.20 -3.48 -11.98
CA ASP B 21 -10.49 -2.54 -11.14
C ASP B 21 -11.04 -2.60 -9.71
N GLY B 22 -10.16 -2.38 -8.75
CA GLY B 22 -10.55 -2.18 -7.37
C GLY B 22 -9.44 -2.58 -6.43
N VAL B 23 -9.79 -2.61 -5.15
CA VAL B 23 -8.87 -3.04 -4.11
C VAL B 23 -9.19 -4.48 -3.74
N TYR B 24 -8.14 -5.28 -3.51
CA TYR B 24 -8.25 -6.71 -3.25
C TYR B 24 -7.45 -7.12 -2.02
N ARG B 25 -7.98 -8.10 -1.29
CA ARG B 25 -7.20 -8.81 -0.27
C ARG B 25 -6.29 -9.87 -0.90
N VAL B 26 -5.08 -10.01 -0.35
CA VAL B 26 -4.18 -11.12 -0.66
C VAL B 26 -4.24 -12.11 0.51
N MET B 27 -4.68 -13.32 0.21
CA MET B 27 -5.00 -14.34 1.21
C MET B 27 -4.11 -15.55 1.00
N THR B 28 -3.93 -16.34 2.07
CA THR B 28 -3.36 -17.67 1.96
C THR B 28 -4.10 -18.63 2.88
N ARG B 29 -4.15 -19.90 2.47
CA ARG B 29 -4.63 -20.98 3.32
C ARG B 29 -3.50 -21.80 3.92
N ARG B 30 -2.25 -21.42 3.68
CA ARG B 30 -1.10 -22.21 4.11
C ARG B 30 -0.92 -22.21 5.61
N LEU B 31 -1.58 -21.31 6.33
CA LEU B 31 -1.48 -21.25 7.78
C LEU B 31 -2.80 -21.68 8.40
N LEU B 32 -2.94 -21.42 9.69
CA LEU B 32 -4.20 -21.68 10.36
C LEU B 32 -5.31 -20.90 9.67
N GLY B 33 -6.35 -21.60 9.22
CA GLY B 33 -7.49 -20.98 8.59
C GLY B 33 -7.09 -20.22 7.33
N SER B 34 -7.86 -19.17 7.03
CA SER B 34 -7.58 -18.26 5.93
C SER B 34 -6.96 -16.99 6.51
N THR B 35 -5.77 -16.64 6.04
CA THR B 35 -5.00 -15.56 6.61
C THR B 35 -4.76 -14.50 5.56
N GLN B 36 -5.07 -13.26 5.89
CA GLN B 36 -4.79 -12.15 4.99
C GLN B 36 -3.35 -11.74 5.19
N VAL B 37 -2.57 -11.85 4.13
CA VAL B 37 -1.16 -11.47 4.18
C VAL B 37 -0.96 -10.06 3.67
N GLY B 38 -1.91 -9.49 2.94
CA GLY B 38 -1.76 -8.15 2.43
C GLY B 38 -2.96 -7.74 1.59
N VAL B 39 -2.75 -6.68 0.83
CA VAL B 39 -3.76 -6.00 0.04
C VAL B 39 -3.09 -5.54 -1.26
N GLY B 40 -3.91 -5.31 -2.29
CA GLY B 40 -3.39 -4.69 -3.50
C GLY B 40 -4.46 -4.09 -4.39
N VAL B 41 -3.97 -3.51 -5.48
CA VAL B 41 -4.77 -2.66 -6.35
C VAL B 41 -4.75 -3.27 -7.76
N MET B 42 -5.93 -3.54 -8.30
CA MET B 42 -6.12 -3.93 -9.68
C MET B 42 -6.50 -2.69 -10.48
N GLN B 43 -5.70 -2.37 -11.49
CA GLN B 43 -5.97 -1.22 -12.33
C GLN B 43 -5.42 -1.49 -13.71
N GLU B 44 -6.23 -1.24 -14.73
CA GLU B 44 -5.84 -1.46 -16.12
C GLU B 44 -5.29 -2.87 -16.35
N GLY B 45 -5.89 -3.86 -15.67
CA GLY B 45 -5.59 -5.27 -15.81
C GLY B 45 -4.31 -5.74 -15.15
N VAL B 46 -3.68 -4.90 -14.33
CA VAL B 46 -2.45 -5.17 -13.63
C VAL B 46 -2.74 -5.14 -12.13
N PHE B 47 -2.21 -6.11 -11.41
CA PHE B 47 -2.35 -6.15 -9.97
C PHE B 47 -1.07 -5.62 -9.34
N HIS B 48 -1.25 -4.69 -8.41
CA HIS B 48 -0.18 -3.95 -7.78
C HIS B 48 -0.20 -4.24 -6.29
N THR B 49 0.94 -4.64 -5.73
CA THR B 49 1.03 -4.77 -4.27
C THR B 49 2.46 -4.48 -3.84
N MET B 50 2.73 -4.66 -2.56
CA MET B 50 4.07 -4.44 -2.05
C MET B 50 4.86 -5.75 -2.14
N TRP B 51 6.14 -5.64 -2.52
CA TRP B 51 6.94 -6.85 -2.68
C TRP B 51 6.89 -7.74 -1.44
N HIS B 52 6.97 -7.15 -0.25
CA HIS B 52 7.08 -7.96 0.95
C HIS B 52 5.80 -8.74 1.25
N VAL B 53 4.69 -8.42 0.61
CA VAL B 53 3.46 -9.19 0.79
C VAL B 53 3.58 -10.56 0.14
N THR B 54 4.02 -10.61 -1.12
CA THR B 54 4.05 -11.84 -1.91
C THR B 54 5.45 -12.39 -2.11
N LYS B 55 6.47 -11.62 -1.82
CA LYS B 55 7.86 -11.97 -2.17
C LYS B 55 8.00 -12.33 -3.64
N GLY B 56 7.12 -11.80 -4.48
CA GLY B 56 7.20 -12.03 -5.91
C GLY B 56 6.57 -13.31 -6.40
N ALA B 57 5.89 -14.06 -5.53
CA ALA B 57 5.31 -15.32 -5.93
C ALA B 57 4.07 -15.11 -6.79
N ALA B 58 3.71 -16.17 -7.53
CA ALA B 58 2.51 -16.12 -8.33
C ALA B 58 1.27 -16.07 -7.44
N LEU B 59 0.18 -15.54 -8.01
CA LEU B 59 -1.10 -15.42 -7.31
C LEU B 59 -2.20 -16.12 -8.10
N ARG B 60 -3.20 -16.58 -7.36
CA ARG B 60 -4.41 -17.14 -7.92
C ARG B 60 -5.52 -16.10 -7.85
N SER B 61 -6.29 -15.98 -8.93
CA SER B 61 -7.52 -15.16 -8.95
C SER B 61 -8.65 -16.04 -9.47
N GLY B 62 -9.32 -16.73 -8.58
CA GLY B 62 -10.32 -17.69 -9.03
C GLY B 62 -9.62 -18.86 -9.69
N GLU B 63 -10.03 -19.19 -10.91
CA GLU B 63 -9.38 -20.25 -11.66
C GLU B 63 -8.11 -19.79 -12.34
N GLY B 64 -7.84 -18.48 -12.35
CA GLY B 64 -6.73 -17.94 -13.09
C GLY B 64 -5.45 -17.81 -12.27
N ARG B 65 -4.35 -17.75 -12.99
CA ARG B 65 -3.03 -17.52 -12.42
C ARG B 65 -2.58 -16.11 -12.79
N LEU B 66 -2.14 -15.35 -11.79
CA LEU B 66 -1.49 -14.07 -12.03
C LEU B 66 0.01 -14.26 -11.90
N ASP B 67 0.73 -14.07 -13.00
CA ASP B 67 2.17 -14.21 -12.87
C ASP B 67 2.82 -12.86 -12.59
N PRO B 68 3.89 -12.85 -11.81
CA PRO B 68 4.63 -11.60 -11.59
C PRO B 68 5.20 -11.09 -12.89
N TYR B 69 5.26 -9.77 -13.00
CA TYR B 69 5.74 -9.09 -14.20
C TYR B 69 6.92 -8.18 -13.93
N TRP B 70 6.86 -7.41 -12.85
CA TRP B 70 7.92 -6.47 -12.50
C TRP B 70 7.99 -6.39 -10.99
N GLY B 71 9.19 -6.24 -10.45
CA GLY B 71 9.26 -5.94 -9.04
C GLY B 71 10.62 -5.44 -8.64
N ASP B 72 10.67 -4.88 -7.43
CA ASP B 72 11.92 -4.33 -6.92
C ASP B 72 11.86 -4.30 -5.41
N VAL B 73 12.79 -5.02 -4.79
CA VAL B 73 12.79 -5.16 -3.32
C VAL B 73 13.03 -3.82 -2.65
N LYS B 74 13.88 -2.98 -3.24
CA LYS B 74 14.22 -1.74 -2.56
C LYS B 74 13.04 -0.78 -2.57
N GLN B 75 12.35 -0.69 -3.71
CA GLN B 75 11.11 0.08 -3.74
C GLN B 75 9.98 -0.61 -2.97
N ASP B 76 10.11 -1.93 -2.73
CA ASP B 76 9.13 -2.78 -2.07
C ASP B 76 7.80 -2.80 -2.82
N LEU B 77 7.88 -2.95 -4.15
CA LEU B 77 6.74 -2.99 -5.03
C LEU B 77 6.85 -4.15 -6.01
N VAL B 78 5.70 -4.58 -6.50
CA VAL B 78 5.58 -5.68 -7.46
C VAL B 78 4.29 -5.51 -8.23
N SER B 79 4.36 -5.80 -9.53
CA SER B 79 3.17 -5.84 -10.37
C SER B 79 3.01 -7.20 -11.01
N TYR B 80 1.76 -7.50 -11.33
CA TYR B 80 1.33 -8.75 -11.94
C TYR B 80 0.57 -8.46 -13.21
N CYS B 81 0.85 -9.25 -14.25
CA CYS B 81 0.17 -9.31 -15.54
C CYS B 81 0.56 -8.16 -16.45
N GLY B 82 1.36 -7.22 -15.98
CA GLY B 82 1.76 -6.10 -16.79
C GLY B 82 2.58 -5.15 -15.98
N PRO B 83 3.08 -4.09 -16.62
CA PRO B 83 3.91 -3.13 -15.92
C PRO B 83 3.11 -2.27 -14.96
N TRP B 84 3.82 -1.72 -13.99
CA TRP B 84 3.23 -0.82 -13.01
C TRP B 84 2.48 0.30 -13.71
N LYS B 85 1.20 0.52 -13.31
CA LYS B 85 0.30 1.45 -13.98
C LYS B 85 0.01 2.72 -13.16
N LEU B 86 0.37 2.74 -11.88
CA LEU B 86 -0.09 3.79 -10.96
C LEU B 86 0.92 4.93 -11.00
N ASP B 87 0.44 6.11 -11.47
CA ASP B 87 1.21 7.30 -11.81
C ASP B 87 1.10 8.43 -10.81
N ALA B 88 0.00 8.50 -10.10
CA ALA B 88 -0.34 9.72 -9.39
C ALA B 88 0.59 9.93 -8.21
N ALA B 89 0.78 11.19 -7.84
CA ALA B 89 1.68 11.53 -6.75
C ALA B 89 0.98 12.49 -5.80
N TRP B 90 1.31 12.36 -4.52
CA TRP B 90 0.84 13.33 -3.52
C TRP B 90 1.25 14.72 -3.97
N ASP B 91 0.38 15.71 -3.70
CA ASP B 91 0.66 17.08 -4.10
C ASP B 91 1.53 17.83 -3.09
N GLY B 92 1.82 17.21 -1.95
CA GLY B 92 2.63 17.85 -0.94
C GLY B 92 1.88 18.84 -0.07
N LEU B 93 0.58 19.04 -0.33
CA LEU B 93 -0.22 20.05 0.34
C LEU B 93 -1.53 19.51 0.91
N SER B 94 -2.22 18.63 0.20
CA SER B 94 -3.59 18.26 0.51
C SER B 94 -3.70 16.98 1.31
N GLU B 95 -4.80 16.86 2.04
CA GLU B 95 -5.10 15.59 2.70
C GLU B 95 -5.36 14.51 1.66
N VAL B 96 -5.17 13.28 2.10
CA VAL B 96 -5.34 12.11 1.28
C VAL B 96 -6.23 11.15 2.05
N GLN B 97 -6.59 10.04 1.41
CA GLN B 97 -7.31 8.99 2.12
C GLN B 97 -6.56 7.69 1.97
N LEU B 98 -6.33 7.03 3.09
CA LEU B 98 -5.97 5.62 3.09
C LEU B 98 -7.22 4.77 2.97
N LEU B 99 -7.29 3.93 1.95
CA LEU B 99 -8.37 2.95 1.85
C LEU B 99 -7.86 1.67 2.51
N ALA B 100 -8.04 1.64 3.83
CA ALA B 100 -7.53 0.55 4.65
C ALA B 100 -8.42 -0.67 4.47
N VAL B 101 -7.80 -1.81 4.26
CA VAL B 101 -8.52 -3.08 4.15
C VAL B 101 -7.93 -4.03 5.19
N PRO B 102 -8.33 -3.93 6.46
CA PRO B 102 -7.70 -4.72 7.51
C PRO B 102 -8.23 -6.15 7.50
N PRO B 103 -7.48 -7.11 8.03
CA PRO B 103 -7.94 -8.50 7.95
C PRO B 103 -9.29 -8.67 8.64
N GLY B 104 -10.19 -9.37 7.96
CA GLY B 104 -11.50 -9.68 8.50
C GLY B 104 -12.43 -8.51 8.66
N GLU B 105 -12.07 -7.33 8.15
CA GLU B 105 -12.80 -6.09 8.40
C GLU B 105 -13.08 -5.40 7.07
N ARG B 106 -14.22 -4.73 7.01
CA ARG B 106 -14.66 -4.06 5.78
C ARG B 106 -13.69 -2.95 5.40
N ALA B 107 -13.50 -2.74 4.08
CA ALA B 107 -12.68 -1.64 3.64
C ALA B 107 -13.21 -0.33 4.22
N LYS B 108 -12.29 0.56 4.61
CA LYS B 108 -12.69 1.80 5.26
C LYS B 108 -11.75 2.92 4.80
N ASN B 109 -12.33 4.06 4.43
CA ASN B 109 -11.53 5.24 4.11
C ASN B 109 -11.19 6.02 5.36
N ILE B 110 -9.93 6.45 5.44
CA ILE B 110 -9.43 7.23 6.56
C ILE B 110 -8.63 8.39 5.98
N GLN B 111 -9.06 9.60 6.29
CA GLN B 111 -8.51 10.81 5.69
C GLN B 111 -7.42 11.34 6.61
N THR B 112 -6.33 11.84 6.01
CA THR B 112 -5.23 12.31 6.83
C THR B 112 -4.38 13.29 6.03
N LEU B 113 -3.65 14.15 6.74
CA LEU B 113 -2.69 15.00 6.08
C LEU B 113 -1.34 14.31 6.18
N PRO B 114 -0.72 13.91 5.08
CA PRO B 114 0.56 13.22 5.17
C PRO B 114 1.64 14.11 5.78
N GLY B 115 2.56 13.47 6.49
CA GLY B 115 3.86 14.05 6.79
C GLY B 115 4.81 13.69 5.68
N ILE B 116 6.11 13.72 6.01
CA ILE B 116 7.14 13.61 5.01
C ILE B 116 8.27 12.75 5.55
N PHE B 117 8.73 11.79 4.74
CA PHE B 117 10.02 11.15 4.94
C PHE B 117 11.05 11.96 4.16
N LYS B 118 12.04 12.52 4.85
CA LYS B 118 13.15 13.20 4.21
C LYS B 118 14.32 12.21 4.12
N THR B 119 14.77 11.95 2.90
CA THR B 119 15.88 11.03 2.66
C THR B 119 16.98 11.75 1.90
N LYS B 120 18.14 11.08 1.80
CA LYS B 120 19.26 11.64 1.06
C LYS B 120 18.89 11.87 -0.40
N ASP B 121 17.91 11.12 -0.91
CA ASP B 121 17.54 11.16 -2.32
C ASP B 121 16.20 11.82 -2.55
N GLY B 122 15.69 12.56 -1.58
CA GLY B 122 14.48 13.34 -1.76
C GLY B 122 13.45 13.00 -0.72
N ASP B 123 12.36 13.74 -0.77
CA ASP B 123 11.28 13.61 0.18
C ASP B 123 10.14 12.83 -0.44
N ILE B 124 9.46 12.02 0.37
CA ILE B 124 8.24 11.37 -0.05
C ILE B 124 7.21 11.54 1.06
N GLY B 125 5.95 11.49 0.68
CA GLY B 125 4.88 11.58 1.67
C GLY B 125 4.89 10.39 2.62
N ALA B 126 4.35 10.61 3.82
CA ALA B 126 4.17 9.52 4.77
C ALA B 126 2.86 9.71 5.51
N VAL B 127 2.23 8.60 5.88
CA VAL B 127 0.96 8.65 6.60
C VAL B 127 1.11 7.98 7.96
N ALA B 128 0.66 8.69 9.01
CA ALA B 128 0.78 8.25 10.40
C ALA B 128 -0.53 7.59 10.84
N LEU B 129 -0.70 6.37 10.39
CA LEU B 129 -1.87 5.54 10.62
C LEU B 129 -1.42 4.12 10.91
N ASP B 130 -2.03 3.51 11.94
CA ASP B 130 -1.62 2.20 12.44
C ASP B 130 -2.72 1.19 12.16
N TYR B 131 -2.39 0.14 11.43
CA TYR B 131 -3.32 -0.93 11.15
C TYR B 131 -2.62 -2.26 11.33
N PRO B 132 -3.38 -3.35 11.50
CA PRO B 132 -2.77 -4.66 11.76
C PRO B 132 -1.89 -5.15 10.62
N ALA B 133 -0.95 -6.02 10.99
CA ALA B 133 -0.28 -6.84 9.99
C ALA B 133 -1.33 -7.44 9.08
N GLY B 134 -1.08 -7.36 7.78
CA GLY B 134 -2.00 -7.83 6.78
C GLY B 134 -2.69 -6.71 6.04
N THR B 135 -2.54 -5.48 6.49
CA THR B 135 -3.07 -4.33 5.78
C THR B 135 -2.08 -3.79 4.73
N SER B 136 -0.83 -4.25 4.74
CA SER B 136 0.16 -3.79 3.75
C SER B 136 -0.39 -3.90 2.33
N GLY B 137 -0.16 -2.86 1.52
CA GLY B 137 -0.65 -2.80 0.15
C GLY B 137 -1.94 -2.02 -0.02
N SER B 138 -2.53 -1.57 1.07
CA SER B 138 -3.75 -0.79 0.95
C SER B 138 -3.43 0.53 0.25
N PRO B 139 -4.29 0.96 -0.67
CA PRO B 139 -3.97 2.15 -1.47
C PRO B 139 -4.25 3.44 -0.74
N ILE B 140 -3.44 4.44 -1.07
CA ILE B 140 -3.61 5.82 -0.62
C ILE B 140 -4.08 6.61 -1.83
N LEU B 141 -5.13 7.42 -1.64
CA LEU B 141 -5.78 8.09 -2.75
C LEU B 141 -5.75 9.59 -2.58
N ASP B 142 -5.77 10.30 -3.71
CA ASP B 142 -6.02 11.73 -3.70
C ASP B 142 -7.51 12.01 -3.87
N LYS B 143 -7.86 13.31 -3.85
CA LYS B 143 -9.26 13.69 -3.88
C LYS B 143 -9.94 13.30 -5.19
N CYS B 144 -9.15 13.05 -6.24
CA CYS B 144 -9.65 12.56 -7.51
C CYS B 144 -9.83 11.06 -7.54
N GLY B 145 -9.52 10.38 -6.45
CA GLY B 145 -9.62 8.94 -6.41
C GLY B 145 -8.46 8.19 -7.03
N ARG B 146 -7.42 8.88 -7.47
CA ARG B 146 -6.26 8.19 -8.04
C ARG B 146 -5.36 7.65 -6.94
N VAL B 147 -4.73 6.50 -7.21
CA VAL B 147 -3.85 5.89 -6.22
C VAL B 147 -2.50 6.58 -6.31
N ILE B 148 -2.11 7.26 -5.23
CA ILE B 148 -0.83 7.93 -5.17
C ILE B 148 0.25 7.12 -4.48
N GLY B 149 -0.08 5.93 -3.96
CA GLY B 149 0.90 4.96 -3.50
C GLY B 149 0.23 3.93 -2.62
N LEU B 150 1.06 3.05 -2.07
CA LEU B 150 0.61 1.93 -1.24
C LEU B 150 1.16 2.05 0.17
N TYR B 151 0.34 1.65 1.13
CA TYR B 151 0.61 1.71 2.56
C TYR B 151 1.23 0.40 3.04
N GLY B 152 2.25 0.51 3.90
CA GLY B 152 2.73 -0.66 4.60
C GLY B 152 4.23 -0.87 4.62
N ASN B 153 5.01 0.09 4.11
CA ASN B 153 6.45 0.11 4.34
C ASN B 153 6.80 1.40 5.05
N GLY B 154 7.29 1.31 6.29
CA GLY B 154 7.58 2.50 7.06
C GLY B 154 8.46 2.28 8.28
N VAL B 155 8.22 3.10 9.32
CA VAL B 155 9.08 3.13 10.49
C VAL B 155 8.23 3.09 11.74
N VAL B 156 8.88 2.75 12.84
CA VAL B 156 8.31 2.83 14.19
C VAL B 156 9.03 3.95 14.92
N ILE B 157 8.27 4.90 15.45
CA ILE B 157 8.85 6.13 15.98
C ILE B 157 9.04 6.04 17.49
N LYS B 158 9.57 7.11 18.10
CA LYS B 158 9.75 7.13 19.55
C LYS B 158 8.44 6.82 20.26
N ASN B 159 7.37 7.49 19.85
CA ASN B 159 6.03 7.28 20.40
C ASN B 159 5.59 5.82 20.32
N GLY B 160 6.37 4.98 19.63
CA GLY B 160 6.02 3.59 19.44
C GLY B 160 5.02 3.34 18.34
N SER B 161 4.43 4.39 17.77
CA SER B 161 3.46 4.27 16.70
C SER B 161 4.15 4.00 15.37
N TYR B 162 3.33 3.80 14.34
CA TYR B 162 3.76 3.43 13.00
C TYR B 162 3.54 4.59 12.04
N VAL B 163 4.53 4.83 11.19
CA VAL B 163 4.38 5.81 10.11
C VAL B 163 4.78 5.12 8.81
N SER B 164 3.86 5.09 7.83
CA SER B 164 4.10 4.44 6.55
C SER B 164 4.54 5.42 5.47
N ALA B 165 5.53 5.05 4.68
CA ALA B 165 5.76 5.78 3.44
C ALA B 165 4.53 5.70 2.54
N ILE B 166 4.32 6.74 1.73
CA ILE B 166 3.45 6.65 0.56
C ILE B 166 4.32 6.10 -0.58
N THR B 167 4.28 4.79 -0.77
CA THR B 167 5.21 4.14 -1.72
C THR B 167 4.57 4.07 -3.09
N GLN B 168 5.18 4.76 -4.05
CA GLN B 168 4.69 4.78 -5.42
C GLN B 168 5.77 4.30 -6.38
N GLY B 169 5.34 3.65 -7.44
CA GLY B 169 6.22 3.16 -8.47
C GLY B 169 6.40 4.16 -9.59
N LYS B 170 6.92 3.67 -10.71
CA LYS B 170 7.14 4.46 -11.91
C LYS B 170 6.42 3.77 -13.07
N ARG B 171 5.66 4.54 -13.84
CA ARG B 171 5.05 4.04 -15.09
C ARG B 171 5.84 4.50 -16.32
N1 JQI C . 11.15 -4.63 3.06
C7 JQI C . 2.65 -4.64 7.42
C8 JQI C . 1.58 -3.65 7.93
N2 JQI C . 3.94 -3.96 7.08
C9 JQI C . 2.05 -2.60 8.92
O1 JQI C . 0.81 -6.03 6.26
C1 JQI C . 6.37 -3.76 7.18
O5 JQI C . 10.75 -2.40 11.03
C5 JQI C . 10.04 -3.85 3.69
C6 JQI C . 5.08 -4.49 7.55
C4 JQI C . 9.24 -4.65 4.70
C3 JQI C . 8.25 -3.80 5.45
O3 JQI C . 5.13 -5.54 8.20
C2 JQI C . 7.19 -4.60 6.20
N4 JQI C . 9.32 -1.13 9.86
N JQI C . 7.16 -3.45 8.35
C JQI C . 7.40 -2.20 8.75
O JQI C . 7.00 -1.20 8.14
B JQI C . 2.11 -5.54 6.21
C10 JQI C . 2.45 -3.25 10.24
C11 JQI C . 0.99 -1.55 9.16
C12 JQI C . 8.20 -2.04 10.04
C13 JQI C . 7.31 -1.62 11.20
C14 JQI C . 6.27 -2.66 11.60
C15 JQI C . 5.31 -2.18 12.67
C17 JQI C . 10.51 -1.37 10.42
C18 JQI C . 11.56 -0.29 10.22
C19 JQI C . 11.83 0.52 11.47
C20 JQI C . 11.49 0.02 12.72
C21 JQI C . 11.68 0.76 13.89
C27 JQI C . 12.23 2.03 13.78
C28 JQI C . 12.57 2.54 12.55
C29 JQI C . 12.39 1.79 11.40
O2 JQI C . 2.99 -6.52 5.77
#